data_6UAW
#
_entry.id   6UAW
#
_cell.length_a   87.432
_cell.length_b   33.871
_cell.length_c   84.563
_cell.angle_alpha   90.000
_cell.angle_beta   113.110
_cell.angle_gamma   90.000
#
_symmetry.space_group_name_H-M   'C 1 2 1'
#
loop_
_entity.id
_entity.type
_entity.pdbx_description
1 polymer 'Glyco_hydro_cc domain-containing protein'
2 branched beta-D-glucopyranose-(1-3)-beta-D-glucopyranose-(1-3)-beta-D-glucopyranose
3 non-polymer 'SULFATE ION'
4 water water
#
_entity_poly.entity_id   1
_entity_poly.type   'polypeptide(L)'
_entity_poly.pdbx_seq_one_letter_code
;MGSSHHHHHHSSGLVPRGSHMATKSVKRGVAYDVASPADLSALSTGMSWWYNWSPKPHDRLAAYDYAGQYNVDFVPMVWN
ANLDDGQLKLYLLAHPGIRYLLVINEPNLVDQANMTPQAAAQLWPRLEQISAQTGVKLVGPAMNWGTMTGYGDPVAWLDA
FYAAYASAHQGRDPQIDYLAFHWYDYGLSSMLDRLSRYGKPFWVTEFANWHTLDDGLQIDSLEKQKQQMAEMVTMLERRS
DVFRYAWFTGRMTPDPHFSSLLDAEGRLTELGQYYLSLPYSE
;
_entity_poly.pdbx_strand_id   A
#
# COMPACT_ATOMS: atom_id res chain seq x y z
N ALA A 22 -21.92 -8.40 -1.32
CA ALA A 22 -22.14 -7.24 -0.42
C ALA A 22 -21.56 -5.99 -1.10
N THR A 23 -22.19 -4.84 -0.90
CA THR A 23 -21.65 -3.56 -1.38
C THR A 23 -20.55 -3.21 -0.37
N LYS A 24 -19.46 -2.64 -0.84
CA LYS A 24 -18.36 -2.26 0.09
C LYS A 24 -17.52 -1.16 -0.54
N SER A 25 -16.62 -0.62 0.26
CA SER A 25 -15.75 0.46 -0.20
C SER A 25 -14.74 -0.01 -1.24
N VAL A 26 -14.62 0.69 -2.38
CA VAL A 26 -13.62 0.33 -3.41
C VAL A 26 -12.25 0.62 -2.79
N LYS A 27 -12.17 1.57 -1.86
CA LYS A 27 -10.86 2.00 -1.29
C LYS A 27 -10.29 0.93 -0.34
N ARG A 28 -11.11 0.14 0.35
CA ARG A 28 -10.69 -0.49 1.60
C ARG A 28 -9.92 -1.77 1.34
N GLY A 29 -8.68 -1.78 1.79
CA GLY A 29 -7.77 -2.88 1.60
C GLY A 29 -7.09 -3.33 2.87
N VAL A 30 -6.32 -4.38 2.71
CA VAL A 30 -5.44 -4.88 3.80
C VAL A 30 -4.04 -5.13 3.22
N ALA A 31 -3.01 -4.77 3.99
CA ALA A 31 -1.61 -5.05 3.67
C ALA A 31 -1.28 -6.34 4.42
N TYR A 32 -1.33 -7.49 3.77
CA TYR A 32 -1.16 -8.78 4.44
C TYR A 32 -1.11 -9.92 3.43
N ASP A 33 -0.20 -10.87 3.61
CA ASP A 33 -0.11 -11.99 2.66
C ASP A 33 -1.25 -12.96 2.97
N VAL A 34 -2.44 -12.64 2.55
CA VAL A 34 -3.59 -13.57 2.76
C VAL A 34 -3.25 -14.93 2.13
N ALA A 35 -3.40 -16.02 2.88
CA ALA A 35 -2.93 -17.35 2.40
C ALA A 35 -4.16 -18.29 2.43
N SER A 36 -5.01 -18.09 3.40
CA SER A 36 -6.17 -18.99 3.59
C SER A 36 -7.39 -18.46 2.86
N PRO A 37 -8.15 -19.30 2.07
CA PRO A 37 -9.47 -18.88 1.64
C PRO A 37 -10.43 -18.52 2.78
N ALA A 38 -10.27 -19.13 3.95
CA ALA A 38 -11.14 -18.80 5.09
C ALA A 38 -10.88 -17.38 5.59
N ASP A 39 -9.61 -16.98 5.57
CA ASP A 39 -9.29 -15.55 5.82
C ASP A 39 -9.94 -14.61 4.77
N LEU A 40 -9.95 -14.92 3.48
CA LEU A 40 -10.76 -14.09 2.52
C LEU A 40 -12.25 -14.07 2.87
N SER A 41 -12.88 -15.18 3.25
CA SER A 41 -14.31 -15.12 3.60
C SER A 41 -14.50 -14.07 4.65
N ALA A 42 -13.71 -14.12 5.69
CA ALA A 42 -13.88 -13.22 6.84
C ALA A 42 -13.68 -11.78 6.35
N LEU A 43 -12.71 -11.57 5.47
CA LEU A 43 -12.29 -10.18 5.14
C LEU A 43 -13.24 -9.61 4.08
N SER A 44 -13.71 -10.46 3.20
CA SER A 44 -14.35 -10.05 1.92
C SER A 44 -15.65 -9.29 2.18
N THR A 45 -16.25 -9.41 3.36
CA THR A 45 -17.48 -8.66 3.71
C THR A 45 -17.22 -7.17 3.47
N GLY A 46 -16.03 -6.68 3.81
CA GLY A 46 -15.75 -5.23 3.87
C GLY A 46 -14.52 -4.83 3.06
N MET A 47 -13.71 -5.78 2.63
CA MET A 47 -12.38 -5.48 2.03
C MET A 47 -12.55 -5.62 0.52
N SER A 48 -12.10 -4.67 -0.29
CA SER A 48 -12.13 -4.80 -1.76
C SER A 48 -10.83 -5.35 -2.33
N TRP A 49 -9.69 -5.17 -1.65
CA TRP A 49 -8.39 -5.48 -2.27
C TRP A 49 -7.33 -5.82 -1.21
N TRP A 50 -6.31 -6.51 -1.66
CA TRP A 50 -5.11 -6.76 -0.83
C TRP A 50 -3.88 -6.81 -1.67
N TYR A 51 -2.74 -6.76 -0.96
CA TYR A 51 -1.42 -6.95 -1.55
C TYR A 51 -0.51 -7.56 -0.50
N ASN A 52 0.58 -8.12 -1.00
CA ASN A 52 1.48 -8.94 -0.15
C ASN A 52 2.95 -8.59 -0.42
N TRP A 53 3.22 -7.38 -0.92
CA TRP A 53 4.57 -6.85 -1.15
C TRP A 53 5.31 -7.65 -2.23
N SER A 54 4.61 -8.49 -2.99
CA SER A 54 5.25 -9.37 -3.99
C SER A 54 4.43 -9.36 -5.26
N PRO A 55 5.00 -9.92 -6.36
CA PRO A 55 4.35 -9.87 -7.66
C PRO A 55 3.20 -10.86 -7.85
N LYS A 56 2.92 -11.77 -6.90
CA LYS A 56 1.88 -12.81 -7.07
C LYS A 56 1.26 -13.07 -5.72
N PRO A 57 -0.02 -13.47 -5.71
CA PRO A 57 -0.66 -13.84 -4.46
C PRO A 57 -0.05 -15.14 -3.93
N HIS A 58 -0.28 -15.39 -2.67
CA HIS A 58 0.17 -16.60 -1.95
C HIS A 58 -0.25 -17.83 -2.79
N ASP A 59 0.66 -18.78 -2.93
CA ASP A 59 0.47 -20.01 -3.76
C ASP A 59 -0.83 -20.77 -3.41
N ARG A 60 -1.22 -20.77 -2.16
N ARG A 60 -1.23 -20.73 -2.15
CA ARG A 60 -2.44 -21.46 -1.66
CA ARG A 60 -2.41 -21.44 -1.61
C ARG A 60 -3.64 -20.97 -2.49
C ARG A 60 -3.71 -20.89 -2.23
N LEU A 61 -3.66 -19.70 -2.85
CA LEU A 61 -4.85 -19.14 -3.55
C LEU A 61 -4.87 -19.40 -5.08
N ALA A 62 -3.87 -20.07 -5.68
CA ALA A 62 -3.77 -20.17 -7.15
C ALA A 62 -5.02 -20.76 -7.82
N ALA A 63 -5.68 -21.73 -7.20
CA ALA A 63 -6.74 -22.51 -7.88
C ALA A 63 -8.08 -22.10 -7.26
N TYR A 64 -8.15 -20.84 -6.79
CA TYR A 64 -9.41 -20.25 -6.28
C TYR A 64 -9.77 -18.95 -7.03
N ASP A 65 -11.00 -18.86 -7.52
CA ASP A 65 -11.54 -17.68 -8.24
C ASP A 65 -11.90 -16.65 -7.17
N TYR A 66 -10.94 -16.02 -6.54
CA TYR A 66 -11.30 -15.07 -5.47
C TYR A 66 -12.00 -13.83 -6.03
N ALA A 67 -11.62 -13.38 -7.21
CA ALA A 67 -12.26 -12.22 -7.88
C ALA A 67 -13.78 -12.47 -7.92
N GLY A 68 -14.20 -13.64 -8.43
CA GLY A 68 -15.62 -13.97 -8.65
C GLY A 68 -16.41 -14.33 -7.41
N GLN A 69 -15.84 -15.03 -6.44
CA GLN A 69 -16.60 -15.51 -5.24
C GLN A 69 -16.60 -14.46 -4.13
N TYR A 70 -15.46 -13.82 -3.89
CA TYR A 70 -15.31 -12.94 -2.70
C TYR A 70 -15.35 -11.48 -3.11
N ASN A 71 -15.33 -11.15 -4.40
N ASN A 71 -15.33 -11.21 -4.41
CA ASN A 71 -15.33 -9.75 -4.92
CA ASN A 71 -15.29 -9.84 -4.97
C ASN A 71 -14.12 -9.01 -4.33
C ASN A 71 -14.15 -9.10 -4.25
N VAL A 72 -12.96 -9.65 -4.40
CA VAL A 72 -11.68 -9.09 -3.90
C VAL A 72 -10.69 -9.16 -5.04
N ASP A 73 -9.82 -8.16 -5.15
N ASP A 73 -9.75 -8.22 -5.04
CA ASP A 73 -8.72 -8.24 -6.12
CA ASP A 73 -8.74 -8.07 -6.10
C ASP A 73 -7.39 -8.15 -5.38
C ASP A 73 -7.37 -8.06 -5.42
N PHE A 74 -6.41 -8.80 -5.97
CA PHE A 74 -5.00 -8.74 -5.54
C PHE A 74 -4.23 -7.75 -6.44
N VAL A 75 -3.41 -6.90 -5.81
CA VAL A 75 -2.61 -5.91 -6.57
C VAL A 75 -1.17 -6.32 -6.41
N PRO A 76 -0.47 -6.61 -7.52
CA PRO A 76 0.90 -7.07 -7.44
C PRO A 76 1.85 -5.88 -7.15
N MET A 77 3.01 -6.21 -6.61
CA MET A 77 4.03 -5.25 -6.22
C MET A 77 5.43 -5.65 -6.69
N VAL A 78 6.14 -4.70 -7.29
CA VAL A 78 7.59 -4.80 -7.53
C VAL A 78 8.27 -4.12 -6.34
N TRP A 79 8.87 -4.91 -5.48
CA TRP A 79 9.32 -4.41 -4.15
C TRP A 79 10.60 -3.59 -4.27
N ASN A 80 11.54 -4.00 -5.14
CA ASN A 80 12.79 -3.27 -5.39
C ASN A 80 13.21 -3.54 -6.83
N ALA A 81 14.49 -3.33 -7.18
CA ALA A 81 14.97 -3.48 -8.57
C ALA A 81 15.19 -4.94 -8.93
N ASN A 82 14.97 -5.87 -8.01
CA ASN A 82 15.14 -7.32 -8.35
C ASN A 82 13.81 -7.80 -8.89
N LEU A 83 13.69 -7.73 -10.20
CA LEU A 83 12.44 -7.82 -10.97
C LEU A 83 12.65 -8.82 -12.11
N ASP A 84 11.81 -9.84 -12.17
CA ASP A 84 11.71 -10.72 -13.37
C ASP A 84 10.68 -10.09 -14.30
N ASP A 85 11.15 -9.23 -15.21
CA ASP A 85 10.26 -8.41 -16.07
C ASP A 85 9.35 -9.36 -16.85
N GLY A 86 9.92 -10.37 -17.50
CA GLY A 86 9.16 -11.27 -18.40
C GLY A 86 8.06 -11.98 -17.64
N GLN A 87 8.37 -12.51 -16.48
CA GLN A 87 7.40 -13.26 -15.65
C GLN A 87 6.28 -12.33 -15.18
N LEU A 88 6.61 -11.12 -14.75
CA LEU A 88 5.57 -10.14 -14.32
C LEU A 88 4.70 -9.77 -15.52
N LYS A 89 5.30 -9.49 -16.68
CA LYS A 89 4.54 -9.10 -17.87
C LYS A 89 3.59 -10.25 -18.21
N LEU A 90 4.10 -11.48 -18.29
CA LEU A 90 3.27 -12.68 -18.61
C LEU A 90 2.05 -12.73 -17.66
N TYR A 91 2.24 -12.53 -16.36
CA TYR A 91 1.16 -12.58 -15.33
C TYR A 91 0.14 -11.47 -15.56
N LEU A 92 0.66 -10.26 -15.73
CA LEU A 92 -0.25 -9.10 -15.93
C LEU A 92 -1.05 -9.27 -17.20
N LEU A 93 -0.44 -9.66 -18.31
CA LEU A 93 -1.17 -9.79 -19.60
C LEU A 93 -2.24 -10.88 -19.53
N ALA A 94 -2.02 -11.91 -18.72
CA ALA A 94 -2.90 -13.07 -18.57
C ALA A 94 -3.98 -12.73 -17.52
N HIS A 95 -3.83 -11.60 -16.82
CA HIS A 95 -4.78 -11.12 -15.81
C HIS A 95 -5.14 -9.66 -16.08
N PRO A 96 -5.86 -9.42 -17.18
CA PRO A 96 -6.17 -8.07 -17.66
C PRO A 96 -7.08 -7.26 -16.73
N GLY A 97 -7.72 -7.89 -15.75
CA GLY A 97 -8.51 -7.18 -14.72
C GLY A 97 -7.63 -6.45 -13.71
N ILE A 98 -6.34 -6.80 -13.67
CA ILE A 98 -5.33 -6.06 -12.85
C ILE A 98 -4.98 -4.78 -13.59
N ARG A 99 -5.26 -3.64 -12.97
CA ARG A 99 -5.10 -2.33 -13.63
C ARG A 99 -4.02 -1.46 -12.98
N TYR A 100 -3.51 -1.90 -11.86
CA TYR A 100 -2.54 -1.16 -11.05
C TYR A 100 -1.38 -2.06 -10.65
N LEU A 101 -0.18 -1.47 -10.59
CA LEU A 101 1.08 -2.13 -10.15
C LEU A 101 1.74 -1.26 -9.09
N LEU A 102 1.83 -1.78 -7.89
CA LEU A 102 2.55 -1.12 -6.81
C LEU A 102 4.05 -1.29 -7.05
N VAL A 103 4.81 -0.24 -6.87
CA VAL A 103 6.26 -0.26 -7.12
C VAL A 103 7.03 0.42 -5.98
N ILE A 104 8.13 -0.18 -5.60
CA ILE A 104 9.23 0.35 -4.74
C ILE A 104 8.77 0.57 -3.30
N ASN A 105 9.04 -0.38 -2.44
CA ASN A 105 8.59 -0.38 -1.04
C ASN A 105 9.56 0.38 -0.15
N GLU A 106 9.28 1.63 0.13
CA GLU A 106 10.05 2.46 1.10
C GLU A 106 11.51 2.56 0.69
N PRO A 107 11.82 3.23 -0.43
CA PRO A 107 13.20 3.27 -0.89
C PRO A 107 14.13 4.01 0.04
N ASN A 108 13.62 4.97 0.79
CA ASN A 108 14.40 5.80 1.72
C ASN A 108 14.52 5.13 3.11
N LEU A 109 14.12 3.86 3.25
CA LEU A 109 14.36 3.09 4.50
C LEU A 109 15.41 2.02 4.18
N VAL A 110 16.51 2.02 4.96
CA VAL A 110 17.60 1.07 4.70
C VAL A 110 17.15 -0.35 4.97
N ASP A 111 16.19 -0.53 5.88
CA ASP A 111 15.66 -1.89 6.17
C ASP A 111 14.53 -2.29 5.21
N GLN A 112 14.24 -1.52 4.13
CA GLN A 112 13.24 -1.89 3.14
C GLN A 112 13.86 -1.86 1.74
N ALA A 113 13.25 -1.23 0.73
CA ALA A 113 13.83 -1.29 -0.62
C ALA A 113 15.22 -0.68 -0.62
N ASN A 114 15.50 0.33 0.18
CA ASN A 114 16.87 0.89 0.33
C ASN A 114 17.46 1.21 -1.04
N MET A 115 16.80 2.08 -1.77
CA MET A 115 17.17 2.46 -3.15
C MET A 115 17.49 3.94 -3.14
N THR A 116 18.65 4.33 -3.64
CA THR A 116 18.95 5.76 -3.81
C THR A 116 18.02 6.30 -4.89
N PRO A 117 17.86 7.62 -4.94
CA PRO A 117 17.13 8.24 -6.04
C PRO A 117 17.67 7.84 -7.44
N GLN A 118 18.98 7.75 -7.63
CA GLN A 118 19.52 7.30 -8.92
C GLN A 118 19.16 5.85 -9.15
N ALA A 119 19.20 4.97 -8.14
CA ALA A 119 18.89 3.57 -8.36
C ALA A 119 17.43 3.44 -8.79
N ALA A 120 16.50 4.20 -8.17
CA ALA A 120 15.10 4.16 -8.54
C ALA A 120 14.91 4.73 -9.93
N ALA A 121 15.61 5.77 -10.29
CA ALA A 121 15.51 6.32 -11.64
C ALA A 121 15.99 5.30 -12.67
N GLN A 122 17.02 4.56 -12.34
CA GLN A 122 17.55 3.52 -13.27
C GLN A 122 16.48 2.43 -13.48
N LEU A 123 15.76 2.03 -12.45
CA LEU A 123 14.70 0.99 -12.58
C LEU A 123 13.52 1.54 -13.38
N TRP A 124 13.25 2.85 -13.27
CA TRP A 124 11.93 3.35 -13.67
C TRP A 124 11.57 2.99 -15.11
N PRO A 125 12.46 3.15 -16.13
CA PRO A 125 12.08 2.79 -17.49
C PRO A 125 11.58 1.35 -17.61
N ARG A 126 12.12 0.39 -16.87
CA ARG A 126 11.62 -0.98 -16.91
C ARG A 126 10.14 -0.99 -16.49
N LEU A 127 9.80 -0.21 -15.47
CA LEU A 127 8.42 -0.14 -14.96
C LEU A 127 7.51 0.58 -15.96
N GLU A 128 8.01 1.64 -16.59
CA GLU A 128 7.26 2.34 -17.65
C GLU A 128 7.01 1.37 -18.81
N GLN A 129 7.98 0.55 -19.15
CA GLN A 129 7.81 -0.41 -20.26
C GLN A 129 6.71 -1.38 -19.83
N ILE A 130 6.73 -1.90 -18.59
CA ILE A 130 5.63 -2.79 -18.13
C ILE A 130 4.30 -2.07 -18.26
N SER A 131 4.22 -0.81 -17.84
CA SER A 131 2.96 -0.02 -17.95
C SER A 131 2.51 0.05 -19.42
N ALA A 132 3.42 0.40 -20.30
CA ALA A 132 3.11 0.54 -21.75
C ALA A 132 2.66 -0.80 -22.35
N GLN A 133 3.27 -1.88 -21.90
CA GLN A 133 3.02 -3.24 -22.46
C GLN A 133 1.77 -3.91 -21.88
N THR A 134 1.33 -3.57 -20.69
CA THR A 134 0.25 -4.28 -19.97
C THR A 134 -0.93 -3.36 -19.69
N GLY A 135 -0.76 -2.04 -19.74
CA GLY A 135 -1.81 -1.06 -19.40
C GLY A 135 -1.82 -0.66 -17.92
N VAL A 136 -1.07 -1.34 -17.06
CA VAL A 136 -1.19 -1.04 -15.60
C VAL A 136 -0.74 0.39 -15.31
N LYS A 137 -1.42 1.07 -14.39
CA LYS A 137 -0.91 2.33 -13.86
C LYS A 137 0.19 2.01 -12.80
N LEU A 138 1.12 2.92 -12.62
CA LEU A 138 2.21 2.77 -11.63
C LEU A 138 1.82 3.52 -10.35
N VAL A 139 1.81 2.75 -9.25
CA VAL A 139 1.44 3.27 -7.91
C VAL A 139 2.69 3.17 -7.04
N GLY A 140 3.37 4.31 -6.87
CA GLY A 140 4.60 4.34 -6.05
C GLY A 140 5.49 5.46 -6.53
N PRO A 141 6.71 5.60 -5.98
CA PRO A 141 7.20 4.80 -4.86
C PRO A 141 6.36 4.92 -3.62
N ALA A 142 6.48 3.93 -2.74
CA ALA A 142 5.83 3.94 -1.43
C ALA A 142 6.75 4.59 -0.44
N MET A 143 6.38 5.81 -0.06
CA MET A 143 7.22 6.64 0.80
C MET A 143 6.86 6.51 2.27
N ASN A 144 7.79 6.91 3.10
CA ASN A 144 7.61 7.01 4.56
C ASN A 144 8.66 8.02 5.02
N TRP A 145 8.68 8.34 6.32
CA TRP A 145 9.85 9.04 6.88
C TRP A 145 10.96 8.03 7.01
N GLY A 146 12.15 8.37 6.52
CA GLY A 146 13.21 7.40 6.23
C GLY A 146 14.39 7.41 7.16
N THR A 147 15.29 6.51 6.84
CA THR A 147 16.56 6.29 7.57
C THR A 147 17.76 6.39 6.61
N MET A 148 17.55 6.32 5.31
CA MET A 148 18.65 6.44 4.34
C MET A 148 19.33 7.80 4.52
N THR A 149 20.67 7.79 4.53
CA THR A 149 21.44 9.02 4.79
C THR A 149 20.97 10.16 3.90
N GLY A 150 20.61 11.27 4.51
CA GLY A 150 20.22 12.50 3.80
C GLY A 150 18.75 12.49 3.30
N TYR A 151 18.07 11.34 3.38
CA TYR A 151 16.75 11.17 2.68
C TYR A 151 15.69 10.70 3.70
N GLY A 152 15.79 11.16 4.94
CA GLY A 152 14.68 10.89 5.89
C GLY A 152 13.38 11.50 5.37
N ASP A 153 13.47 12.72 4.88
CA ASP A 153 12.33 13.47 4.35
C ASP A 153 11.97 12.89 3.00
N PRO A 154 10.75 12.35 2.81
CA PRO A 154 10.35 11.79 1.53
C PRO A 154 10.35 12.81 0.41
N VAL A 155 10.13 14.07 0.73
CA VAL A 155 10.21 15.16 -0.26
C VAL A 155 11.63 15.26 -0.79
N ALA A 156 12.62 15.11 0.07
CA ALA A 156 14.01 15.19 -0.43
C ALA A 156 14.24 14.02 -1.38
N TRP A 157 13.80 12.84 -0.99
CA TRP A 157 14.06 11.62 -1.79
C TRP A 157 13.32 11.79 -3.14
N LEU A 158 12.03 12.12 -3.11
CA LEU A 158 11.26 12.29 -4.37
C LEU A 158 11.83 13.38 -5.26
N ASP A 159 12.17 14.54 -4.69
CA ASP A 159 12.79 15.62 -5.51
C ASP A 159 14.03 15.06 -6.24
N ALA A 160 14.88 14.31 -5.55
CA ALA A 160 16.13 13.81 -6.14
C ALA A 160 15.78 12.80 -7.22
N PHE A 161 14.81 11.93 -6.94
CA PHE A 161 14.37 10.89 -7.92
C PHE A 161 13.88 11.57 -9.20
N TYR A 162 12.97 12.53 -9.06
CA TYR A 162 12.50 13.31 -10.23
C TYR A 162 13.67 13.92 -10.97
N ALA A 163 14.62 14.54 -10.26
CA ALA A 163 15.75 15.21 -10.92
C ALA A 163 16.60 14.14 -11.63
N ALA A 164 16.84 12.99 -11.02
CA ALA A 164 17.66 11.91 -11.63
C ALA A 164 16.97 11.45 -12.91
N TYR A 165 15.71 11.11 -12.86
CA TYR A 165 14.95 10.60 -14.01
C TYR A 165 15.02 11.66 -15.11
N ALA A 166 14.70 12.92 -14.80
CA ALA A 166 14.63 13.99 -15.81
C ALA A 166 15.99 14.18 -16.45
N SER A 167 17.05 14.04 -15.68
CA SER A 167 18.43 14.12 -16.22
C SER A 167 18.59 13.08 -17.34
N ALA A 168 18.18 11.87 -17.10
CA ALA A 168 18.43 10.73 -17.99
C ALA A 168 17.45 10.72 -19.16
N HIS A 169 16.44 11.60 -19.23
CA HIS A 169 15.33 11.50 -20.23
C HIS A 169 14.96 12.89 -20.76
N GLN A 170 15.98 13.67 -21.09
CA GLN A 170 15.85 14.99 -21.73
C GLN A 170 14.81 15.84 -20.99
N GLY A 171 14.76 15.80 -19.64
CA GLY A 171 13.91 16.71 -18.87
C GLY A 171 12.54 16.13 -18.52
N ARG A 172 12.20 14.97 -19.06
CA ARG A 172 10.85 14.35 -18.85
C ARG A 172 10.74 13.89 -17.39
N ASP A 173 9.58 14.03 -16.79
CA ASP A 173 9.31 13.55 -15.43
C ASP A 173 9.01 12.07 -15.54
N PRO A 174 9.31 11.31 -14.48
CA PRO A 174 8.97 9.87 -14.46
C PRO A 174 7.45 9.71 -14.43
N GLN A 175 6.95 8.66 -15.07
CA GLN A 175 5.53 8.30 -15.04
C GLN A 175 5.19 7.91 -13.59
N ILE A 176 4.28 8.66 -12.96
CA ILE A 176 3.73 8.33 -11.64
C ILE A 176 2.24 8.55 -11.76
N ASP A 177 1.46 7.50 -11.78
CA ASP A 177 -0.01 7.61 -11.84
C ASP A 177 -0.51 7.94 -10.45
N TYR A 178 0.03 7.29 -9.42
CA TYR A 178 -0.29 7.58 -8.00
C TYR A 178 1.02 7.48 -7.21
N LEU A 179 1.21 8.35 -6.24
CA LEU A 179 2.23 8.11 -5.20
C LEU A 179 1.63 7.17 -4.15
N ALA A 180 2.50 6.45 -3.44
CA ALA A 180 2.04 5.62 -2.32
C ALA A 180 2.67 6.17 -1.05
N PHE A 181 2.04 5.87 0.07
CA PHE A 181 2.50 6.39 1.36
C PHE A 181 2.15 5.35 2.41
N HIS A 182 3.03 5.27 3.38
CA HIS A 182 2.90 4.48 4.62
C HIS A 182 3.03 5.41 5.81
N TRP A 183 2.22 5.21 6.82
CA TRP A 183 2.30 6.06 8.03
C TRP A 183 1.76 5.35 9.26
N TYR A 184 2.52 5.43 10.35
CA TYR A 184 2.18 4.73 11.61
C TYR A 184 2.06 5.70 12.78
N ASP A 185 1.65 6.94 12.53
CA ASP A 185 1.60 7.96 13.61
C ASP A 185 0.43 8.87 13.34
N TYR A 186 0.25 9.84 14.24
CA TYR A 186 -0.65 10.97 14.03
C TYR A 186 -0.17 11.76 12.82
N GLY A 187 -1.02 12.63 12.34
CA GLY A 187 -0.64 13.62 11.30
C GLY A 187 -0.62 13.05 9.89
N LEU A 188 -1.27 11.93 9.63
CA LEU A 188 -1.26 11.38 8.24
C LEU A 188 -1.87 12.40 7.27
N SER A 189 -2.93 13.12 7.62
CA SER A 189 -3.48 14.16 6.71
C SER A 189 -2.44 15.26 6.40
N SER A 190 -1.60 15.65 7.37
CA SER A 190 -0.53 16.65 7.19
C SER A 190 0.54 16.11 6.25
N MET A 191 0.84 14.82 6.33
CA MET A 191 1.87 14.24 5.45
C MET A 191 1.30 14.18 4.03
N LEU A 192 0.02 13.84 3.86
CA LEU A 192 -0.55 13.83 2.49
C LEU A 192 -0.54 15.26 1.96
N ASP A 193 -0.82 16.24 2.82
CA ASP A 193 -0.85 17.63 2.34
C ASP A 193 0.55 18.01 1.86
N ARG A 194 1.57 17.68 2.63
N ARG A 194 1.56 17.62 2.64
CA ARG A 194 2.98 17.97 2.25
CA ARG A 194 2.98 17.93 2.36
C ARG A 194 3.25 17.35 0.89
C ARG A 194 3.42 17.27 1.07
N LEU A 195 2.83 16.12 0.72
CA LEU A 195 3.22 15.39 -0.51
C LEU A 195 2.33 15.77 -1.70
N SER A 196 1.23 16.48 -1.47
CA SER A 196 0.36 16.94 -2.55
C SER A 196 1.11 17.92 -3.46
N ARG A 197 2.29 18.38 -3.04
N ARG A 197 2.29 18.40 -3.05
CA ARG A 197 3.13 19.30 -3.87
CA ARG A 197 3.10 19.32 -3.89
C ARG A 197 3.46 18.68 -5.24
C ARG A 197 3.46 18.69 -5.26
N TYR A 198 3.47 17.35 -5.36
CA TYR A 198 3.78 16.64 -6.64
C TYR A 198 2.57 16.64 -7.57
N GLY A 199 1.40 17.06 -7.08
CA GLY A 199 0.17 17.04 -7.89
C GLY A 199 -0.31 15.66 -8.22
N LYS A 200 0.01 14.65 -7.40
CA LYS A 200 -0.40 13.28 -7.72
C LYS A 200 -1.35 12.76 -6.65
N PRO A 201 -2.34 11.95 -7.06
CA PRO A 201 -3.14 11.26 -6.08
C PRO A 201 -2.39 10.13 -5.39
N PHE A 202 -2.97 9.56 -4.35
CA PHE A 202 -2.30 8.62 -3.43
C PHE A 202 -3.03 7.32 -3.31
N TRP A 203 -2.25 6.28 -3.05
CA TRP A 203 -2.68 5.09 -2.29
C TRP A 203 -1.94 5.09 -0.96
N VAL A 204 -2.64 4.89 0.14
CA VAL A 204 -2.01 4.81 1.47
C VAL A 204 -1.92 3.34 1.78
N THR A 205 -0.81 2.75 1.46
CA THR A 205 -0.76 1.28 1.35
C THR A 205 -0.30 0.57 2.63
N GLU A 206 -0.01 1.32 3.67
CA GLU A 206 0.13 0.78 5.05
C GLU A 206 -0.24 1.91 5.98
N PHE A 207 -1.15 1.62 6.92
CA PHE A 207 -1.34 2.58 8.03
C PHE A 207 -1.92 1.88 9.25
N ALA A 208 -1.66 2.53 10.36
CA ALA A 208 -2.15 2.15 11.70
C ALA A 208 -1.62 3.25 12.59
N ASN A 209 -2.00 3.37 13.83
CA ASN A 209 -1.28 4.30 14.73
C ASN A 209 -0.48 3.54 15.77
N TRP A 210 0.84 3.59 15.64
CA TRP A 210 1.76 2.88 16.53
C TRP A 210 2.49 3.85 17.44
N HIS A 211 1.94 5.03 17.71
CA HIS A 211 2.62 5.92 18.65
C HIS A 211 2.91 5.23 19.99
N THR A 212 4.13 5.42 20.51
CA THR A 212 4.65 4.65 21.66
C THR A 212 5.16 5.59 22.77
N LEU A 213 5.67 6.75 22.41
CA LEU A 213 6.32 7.67 23.40
C LEU A 213 5.27 8.01 24.45
N ASP A 214 5.73 8.18 25.68
CA ASP A 214 4.81 8.35 26.83
C ASP A 214 4.39 9.84 26.94
N ASP A 215 3.58 10.36 26.00
CA ASP A 215 3.22 11.81 25.92
C ASP A 215 1.71 12.02 25.97
N GLY A 216 0.98 10.95 26.30
CA GLY A 216 -0.49 10.91 26.29
C GLY A 216 -1.11 10.38 25.02
N LEU A 217 -0.33 10.27 23.97
CA LEU A 217 -0.87 9.92 22.65
C LEU A 217 -0.51 8.48 22.34
N GLN A 218 0.21 7.80 23.23
CA GLN A 218 0.61 6.39 22.95
C GLN A 218 -0.64 5.53 22.72
N ILE A 219 -0.55 4.59 21.78
CA ILE A 219 -1.67 3.71 21.44
C ILE A 219 -1.42 2.38 22.14
N ASP A 220 -1.92 2.27 23.38
CA ASP A 220 -1.57 1.11 24.24
C ASP A 220 -2.84 0.33 24.61
N SER A 221 -3.90 0.47 23.82
CA SER A 221 -5.17 -0.26 24.03
C SER A 221 -5.90 -0.46 22.72
N LEU A 222 -6.74 -1.48 22.66
CA LEU A 222 -7.61 -1.67 21.50
C LEU A 222 -8.54 -0.45 21.27
N GLU A 223 -9.12 0.13 22.32
CA GLU A 223 -10.03 1.29 22.20
C GLU A 223 -9.33 2.43 21.44
N LYS A 224 -8.05 2.65 21.75
CA LYS A 224 -7.28 3.76 21.17
C LYS A 224 -6.95 3.41 19.74
N GLN A 225 -6.66 2.13 19.42
CA GLN A 225 -6.44 1.86 17.99
C GLN A 225 -7.73 1.96 17.18
N LYS A 226 -8.87 1.53 17.74
CA LYS A 226 -10.19 1.68 17.07
C LYS A 226 -10.47 3.17 16.84
N GLN A 227 -10.21 4.01 17.83
CA GLN A 227 -10.45 5.45 17.72
C GLN A 227 -9.63 5.97 16.53
N GLN A 228 -8.34 5.62 16.47
CA GLN A 228 -7.51 6.20 15.42
C GLN A 228 -7.92 5.55 14.09
N MET A 229 -8.22 4.27 14.04
CA MET A 229 -8.67 3.64 12.78
C MET A 229 -9.89 4.40 12.25
N ALA A 230 -10.86 4.69 13.11
CA ALA A 230 -12.07 5.38 12.61
C ALA A 230 -11.75 6.80 12.10
N GLU A 231 -10.93 7.53 12.83
CA GLU A 231 -10.53 8.90 12.42
C GLU A 231 -9.81 8.81 11.08
N MET A 232 -8.87 7.88 10.96
CA MET A 232 -8.02 7.86 9.73
C MET A 232 -8.88 7.39 8.56
N VAL A 233 -9.70 6.39 8.75
CA VAL A 233 -10.58 5.88 7.66
C VAL A 233 -11.60 6.96 7.19
N THR A 234 -12.19 7.69 8.12
CA THR A 234 -13.10 8.82 7.78
C THR A 234 -12.33 9.76 6.84
N MET A 235 -11.12 10.10 7.20
CA MET A 235 -10.35 11.11 6.44
C MET A 235 -9.96 10.53 5.09
N LEU A 236 -9.55 9.27 5.06
CA LEU A 236 -9.09 8.68 3.78
C LEU A 236 -10.28 8.51 2.83
N GLU A 237 -11.43 8.09 3.38
CA GLU A 237 -12.63 7.91 2.55
C GLU A 237 -13.05 9.25 1.94
N ARG A 238 -12.99 10.32 2.73
CA ARG A 238 -13.40 11.70 2.35
C ARG A 238 -12.49 12.24 1.23
N ARG A 239 -11.18 11.99 1.29
CA ARG A 239 -10.20 12.66 0.37
C ARG A 239 -10.36 12.14 -1.04
N SER A 240 -10.66 13.03 -2.00
CA SER A 240 -10.82 12.71 -3.43
C SER A 240 -9.47 12.31 -4.03
N ASP A 241 -8.38 12.76 -3.42
CA ASP A 241 -7.05 12.38 -3.95
C ASP A 241 -6.51 11.11 -3.27
N VAL A 242 -7.31 10.36 -2.52
CA VAL A 242 -6.91 9.02 -2.00
C VAL A 242 -7.76 7.97 -2.70
N PHE A 243 -7.17 7.16 -3.53
CA PHE A 243 -7.90 6.15 -4.34
C PHE A 243 -8.08 4.88 -3.50
N ARG A 244 -7.07 4.48 -2.71
CA ARG A 244 -7.11 3.17 -2.01
C ARG A 244 -6.29 3.32 -0.74
N TYR A 245 -6.63 2.54 0.28
CA TYR A 245 -5.81 2.46 1.49
C TYR A 245 -5.78 1.03 2.02
N ALA A 246 -4.75 0.68 2.73
CA ALA A 246 -4.61 -0.68 3.26
C ALA A 246 -4.12 -0.66 4.67
N TRP A 247 -4.88 -1.28 5.56
CA TRP A 247 -4.54 -1.35 6.99
C TRP A 247 -3.42 -2.36 7.20
N PHE A 248 -2.51 -2.04 8.10
CA PHE A 248 -1.46 -2.98 8.54
C PHE A 248 -1.91 -3.47 9.92
N THR A 249 -2.29 -4.76 10.06
CA THR A 249 -2.20 -5.85 9.11
C THR A 249 -3.18 -6.94 9.49
N GLY A 250 -3.12 -8.07 8.77
CA GLY A 250 -3.98 -9.23 9.09
C GLY A 250 -3.68 -9.76 10.46
N ARG A 251 -2.46 -10.20 10.68
CA ARG A 251 -1.99 -10.73 11.98
C ARG A 251 -0.53 -10.38 12.21
N MET A 252 -0.22 -10.09 13.46
CA MET A 252 1.16 -9.92 13.93
C MET A 252 1.23 -10.27 15.39
N THR A 253 2.39 -10.74 15.79
CA THR A 253 2.63 -11.11 17.21
C THR A 253 4.11 -10.87 17.47
N PRO A 254 4.51 -10.21 18.59
CA PRO A 254 3.62 -9.49 19.50
C PRO A 254 2.90 -8.35 18.77
N ASP A 255 1.81 -7.90 19.37
CA ASP A 255 0.86 -6.92 18.78
C ASP A 255 0.64 -5.83 19.81
N PRO A 256 1.66 -5.02 20.17
CA PRO A 256 1.52 -4.07 21.27
C PRO A 256 0.55 -2.94 21.02
N HIS A 257 0.19 -2.69 19.74
CA HIS A 257 -0.71 -1.59 19.43
C HIS A 257 -2.02 -2.17 18.90
N PHE A 258 -2.30 -3.48 19.08
CA PHE A 258 -3.59 -4.09 18.77
C PHE A 258 -3.96 -3.78 17.31
N SER A 259 -3.01 -4.05 16.43
CA SER A 259 -3.17 -3.75 14.98
C SER A 259 -3.79 -4.91 14.19
N SER A 260 -3.97 -6.10 14.76
CA SER A 260 -4.35 -7.31 14.00
C SER A 260 -5.86 -7.28 13.68
N LEU A 261 -6.24 -7.58 12.45
CA LEU A 261 -7.64 -7.74 11.99
C LEU A 261 -8.13 -9.18 12.10
N LEU A 262 -7.23 -10.16 12.17
CA LEU A 262 -7.58 -11.61 12.20
C LEU A 262 -6.96 -12.28 13.42
N ASP A 263 -7.63 -13.35 13.88
CA ASP A 263 -7.06 -14.19 14.97
C ASP A 263 -6.91 -15.62 14.44
N ALA A 264 -7.74 -16.57 14.89
CA ALA A 264 -7.70 -17.93 14.34
C ALA A 264 -7.93 -17.83 12.82
N GLU A 265 -7.57 -18.88 12.09
CA GLU A 265 -7.87 -19.00 10.66
C GLU A 265 -9.36 -18.76 10.46
N GLY A 266 -9.67 -17.85 9.55
CA GLY A 266 -11.03 -17.47 9.18
C GLY A 266 -11.77 -16.64 10.22
N ARG A 267 -11.15 -16.09 11.26
CA ARG A 267 -11.88 -15.34 12.31
C ARG A 267 -11.33 -13.92 12.43
N LEU A 268 -12.24 -12.96 12.42
CA LEU A 268 -11.93 -11.54 12.64
C LEU A 268 -11.68 -11.31 14.12
N THR A 269 -10.72 -10.49 14.44
CA THR A 269 -10.67 -9.80 15.74
C THR A 269 -11.79 -8.78 15.86
N GLU A 270 -11.94 -8.22 17.05
CA GLU A 270 -12.85 -7.07 17.27
C GLU A 270 -12.44 -5.89 16.35
N LEU A 271 -11.14 -5.62 16.22
CA LEU A 271 -10.67 -4.57 15.29
C LEU A 271 -11.02 -4.93 13.83
N GLY A 272 -10.89 -6.20 13.42
CA GLY A 272 -11.22 -6.66 12.05
C GLY A 272 -12.68 -6.43 11.73
N GLN A 273 -13.58 -6.90 12.62
CA GLN A 273 -15.02 -6.68 12.44
C GLN A 273 -15.31 -5.18 12.31
N TYR A 274 -14.66 -4.34 13.13
CA TYR A 274 -14.85 -2.88 13.18
C TYR A 274 -14.42 -2.25 11.87
N TYR A 275 -13.22 -2.60 11.42
CA TYR A 275 -12.69 -2.06 10.18
C TYR A 275 -13.63 -2.35 9.01
N LEU A 276 -14.12 -3.58 8.92
CA LEU A 276 -14.88 -4.00 7.71
C LEU A 276 -16.26 -3.34 7.72
N SER A 277 -16.72 -2.84 8.85
CA SER A 277 -18.08 -2.30 8.97
C SER A 277 -18.07 -0.78 9.04
N LEU A 278 -16.90 -0.15 8.99
CA LEU A 278 -16.85 1.33 9.01
C LEU A 278 -17.51 1.90 7.76
N PRO A 279 -18.15 3.08 7.87
CA PRO A 279 -18.84 3.65 6.72
C PRO A 279 -17.84 4.06 5.64
N TYR A 280 -18.33 4.31 4.43
CA TYR A 280 -17.44 4.79 3.35
C TYR A 280 -18.14 5.75 2.39
N SER A 281 -17.38 6.24 1.41
CA SER A 281 -17.82 7.23 0.40
C SER A 281 -18.78 6.59 -0.60
#